data_5YZD
#
_entry.id   5YZD
#
_cell.length_a   170.407
_cell.length_b   170.407
_cell.length_c   170.407
_cell.angle_alpha   90.00
_cell.angle_beta   90.00
_cell.angle_gamma   90.00
#
_symmetry.space_group_name_H-M   'I 21 3'
#
loop_
_entity.id
_entity.type
_entity.pdbx_description
1 polymer 'glycoprotein F2'
2 polymer 'glycoprotein F1,measles virus fusion protein'
3 polymer 'peptide CBZ-DPN-PHE-GLY'
4 branched 2-acetamido-2-deoxy-beta-D-glucopyranose-(1-4)-2-acetamido-2-deoxy-beta-D-glucopyranose
5 non-polymer 2-acetamido-2-deoxy-beta-D-glucopyranose
6 water water
#
loop_
_entity_poly.entity_id
_entity_poly.type
_entity_poly.pdbx_seq_one_letter_code
_entity_poly.pdbx_strand_id
1 'polypeptide(L)'
;GTPTGQIHWGNLSKIGVVGIGSASYKVMTRSSHQSLVIKLMPNITLLNNCTRVEIAEYRRLLRTVLEPIRDALNAMTQNI
RPVQSVASSRRHKR
;
A
2 'polypeptide(L)'
;FAGVVLAGAALGVATAAQITAGIALHQSMLNSQAIDNLRASLETTNQAIEAIRQAGQEMILAVQGVQDYINNELIPSMNQ
LSCDLIGQKLGLKLLRYYTEILSLFGPSLRDPISAEISIQALSYALGGDINKVLEKLGYSGGDLLGILESRGIKARITHV
DTESYFIVLSIAYPTLSEIKGVIVHRLEGVSYNIGSQEWYTTVPKYVATQGYLISNFDESSCTFMPEGTVCSQNALYPMS
PLLQECLRGSTKSCARTLVSGSFGNRFILSQGNLIANCASILCKCYTTGTIINQDPDKILTYIAADHCPVVEVNGVTIQV
GSRRYPDAVYLHRIDLGPPISLERLDVGTNLGNAIAKLEDAKELLESSDQCCRSMKGCCSTSLEGIEGRAGWSHPQFEKG
GGSGGGSGGGSWSHPQFEK
;
C
3 'polypeptide(L)' (PHQ)(DPN)FG B
#
# COMPACT_ATOMS: atom_id res chain seq x y z
N GLN A 6 25.48 11.72 2.30
CA GLN A 6 25.41 10.76 1.19
C GLN A 6 24.69 11.57 0.10
N ILE A 7 23.49 12.08 0.41
CA ILE A 7 22.81 13.00 -0.49
C ILE A 7 23.44 14.38 -0.33
N HIS A 8 23.76 15.01 -1.45
CA HIS A 8 24.44 16.30 -1.51
C HIS A 8 23.46 17.47 -1.64
N TRP A 9 22.96 17.99 -0.49
CA TRP A 9 21.91 19.01 -0.53
C TRP A 9 22.37 20.29 -1.21
N GLY A 10 23.66 20.65 -1.10
CA GLY A 10 24.14 21.90 -1.70
C GLY A 10 24.03 21.91 -3.22
N ASN A 11 24.55 20.87 -3.87
CA ASN A 11 24.52 20.85 -5.32
C ASN A 11 23.08 20.67 -5.81
N LEU A 12 22.26 19.91 -5.10
CA LEU A 12 20.86 19.78 -5.47
C LEU A 12 20.14 21.14 -5.36
N SER A 13 20.46 21.92 -4.34
CA SER A 13 19.80 23.22 -4.21
C SER A 13 20.14 24.15 -5.39
N LYS A 14 21.30 23.95 -6.02
CA LYS A 14 21.61 24.80 -7.16
C LYS A 14 20.73 24.49 -8.36
N ILE A 15 20.02 23.36 -8.37
CA ILE A 15 19.08 23.07 -9.45
C ILE A 15 17.67 22.91 -8.89
N GLY A 16 17.39 23.60 -7.78
CA GLY A 16 16.03 23.74 -7.29
C GLY A 16 15.44 22.59 -6.49
N VAL A 17 16.23 21.62 -6.06
CA VAL A 17 15.73 20.47 -5.32
C VAL A 17 16.13 20.61 -3.86
N VAL A 18 15.16 20.50 -2.95
CA VAL A 18 15.48 20.50 -1.53
C VAL A 18 14.81 19.33 -0.81
N GLY A 19 15.38 18.99 0.35
CA GLY A 19 14.75 18.03 1.24
C GLY A 19 13.87 18.79 2.20
N ILE A 20 12.64 18.33 2.35
CA ILE A 20 11.68 18.97 3.24
C ILE A 20 11.23 18.05 4.36
N GLY A 21 12.00 17.00 4.65
CA GLY A 21 11.71 16.18 5.79
C GLY A 21 12.36 14.83 5.75
N SER A 22 12.87 14.38 6.87
CA SER A 22 13.36 13.01 6.98
C SER A 22 12.64 12.30 8.11
N ALA A 23 12.60 10.98 8.01
CA ALA A 23 12.03 10.17 9.06
C ALA A 23 12.70 8.79 9.10
N SER A 24 12.64 8.18 10.27
CA SER A 24 13.02 6.78 10.40
C SER A 24 12.01 5.89 9.65
N TYR A 25 12.38 4.64 9.41
CA TYR A 25 11.62 3.72 8.58
C TYR A 25 11.22 2.50 9.42
N LYS A 26 9.91 2.30 9.60
CA LYS A 26 9.39 1.15 10.34
C LYS A 26 8.49 0.32 9.44
N VAL A 27 8.73 -0.98 9.39
CA VAL A 27 7.90 -1.88 8.59
C VAL A 27 7.13 -2.78 9.51
N MET A 28 5.97 -3.22 9.04
CA MET A 28 5.11 -4.10 9.81
C MET A 28 5.57 -5.52 9.56
N THR A 29 5.78 -6.27 10.63
CA THR A 29 6.03 -7.69 10.54
C THR A 29 4.90 -8.42 11.26
N ARG A 30 4.50 -9.56 10.75
CA ARG A 30 3.34 -10.26 11.27
C ARG A 30 3.83 -11.35 12.22
N SER A 31 3.18 -11.48 13.36
CA SER A 31 3.59 -12.52 14.30
C SER A 31 2.38 -13.04 15.07
N SER A 32 2.58 -14.18 15.74
CA SER A 32 1.56 -14.90 16.47
C SER A 32 0.49 -15.33 15.47
N HIS A 33 -0.70 -15.68 15.95
CA HIS A 33 -1.72 -16.20 15.05
C HIS A 33 -3.06 -16.12 15.74
N GLN A 34 -4.13 -16.17 14.94
CA GLN A 34 -5.47 -16.14 15.50
C GLN A 34 -6.41 -16.66 14.43
N SER A 35 -7.32 -17.53 14.83
CA SER A 35 -8.22 -18.14 13.88
C SER A 35 -9.51 -17.36 13.84
N LEU A 36 -9.97 -17.11 12.64
CA LEU A 36 -11.19 -16.38 12.35
C LEU A 36 -12.04 -17.28 11.45
N VAL A 37 -13.32 -17.45 11.76
CA VAL A 37 -14.18 -18.31 10.96
C VAL A 37 -15.35 -17.50 10.40
N ILE A 38 -15.53 -17.56 9.09
CA ILE A 38 -16.69 -17.00 8.43
C ILE A 38 -17.79 -18.05 8.40
N LYS A 39 -18.79 -17.86 9.25
CA LYS A 39 -19.96 -18.73 9.29
C LYS A 39 -20.92 -18.31 8.16
N LEU A 40 -20.97 -19.10 7.09
CA LEU A 40 -21.75 -18.68 5.93
C LEU A 40 -23.23 -18.93 6.10
N MET A 41 -23.62 -19.86 6.98
CA MET A 41 -25.02 -20.24 7.12
C MET A 41 -25.62 -19.55 8.34
N PRO A 42 -26.59 -18.65 8.18
CA PRO A 42 -27.14 -17.93 9.33
C PRO A 42 -28.11 -18.78 10.15
N ASN A 43 -28.31 -18.38 11.40
CA ASN A 43 -29.32 -18.98 12.26
C ASN A 43 -30.67 -18.37 11.93
N ILE A 44 -31.59 -19.20 11.43
CA ILE A 44 -32.88 -18.76 10.94
C ILE A 44 -34.04 -19.34 11.76
N THR A 45 -33.78 -19.88 12.97
CA THR A 45 -34.81 -20.65 13.66
C THR A 45 -36.02 -19.82 14.05
N LEU A 46 -35.81 -18.57 14.42
CA LEU A 46 -36.88 -17.64 14.76
C LEU A 46 -37.60 -17.10 13.52
N LEU A 47 -37.31 -17.60 12.33
CA LEU A 47 -38.09 -17.25 11.14
C LEU A 47 -39.07 -18.33 10.69
N ASN A 48 -39.19 -19.46 11.41
CA ASN A 48 -40.24 -20.48 11.21
C ASN A 48 -40.47 -20.89 9.76
N ASN A 49 -39.42 -21.38 9.14
CA ASN A 49 -39.47 -21.97 7.81
C ASN A 49 -39.86 -20.97 6.73
N CYS A 50 -39.88 -19.67 7.03
CA CYS A 50 -40.23 -18.67 6.03
C CYS A 50 -39.15 -18.38 4.99
N THR A 51 -37.92 -18.84 5.18
CA THR A 51 -36.85 -18.54 4.25
C THR A 51 -36.26 -19.82 3.66
N ARG A 52 -37.01 -20.91 3.72
CA ARG A 52 -36.49 -22.22 3.36
C ARG A 52 -36.04 -22.25 1.90
N VAL A 53 -36.85 -21.70 1.00
CA VAL A 53 -36.48 -21.70 -0.41
C VAL A 53 -35.24 -20.85 -0.65
N GLU A 54 -35.20 -19.65 -0.06
CA GLU A 54 -34.08 -18.75 -0.28
C GLU A 54 -32.77 -19.32 0.31
N ILE A 55 -32.85 -19.91 1.49
CA ILE A 55 -31.67 -20.51 2.11
C ILE A 55 -31.14 -21.66 1.28
N ALA A 56 -32.03 -22.50 0.76
CA ALA A 56 -31.57 -23.63 -0.03
C ALA A 56 -30.87 -23.16 -1.30
N GLU A 57 -31.39 -22.09 -1.89
CA GLU A 57 -30.79 -21.54 -3.10
C GLU A 57 -29.44 -20.89 -2.79
N TYR A 58 -29.37 -20.14 -1.70
CA TYR A 58 -28.10 -19.61 -1.21
C TYR A 58 -27.07 -20.71 -1.07
N ARG A 59 -27.43 -21.81 -0.38
CA ARG A 59 -26.49 -22.92 -0.20
C ARG A 59 -26.02 -23.46 -1.53
N ARG A 60 -26.91 -23.55 -2.51
CA ARG A 60 -26.51 -24.09 -3.81
C ARG A 60 -25.52 -23.17 -4.51
N LEU A 61 -25.75 -21.86 -4.45
CA LEU A 61 -24.80 -20.91 -5.03
C LEU A 61 -23.45 -21.00 -4.33
N LEU A 62 -23.46 -21.14 -3.01
CA LEU A 62 -22.19 -21.21 -2.30
C LEU A 62 -21.34 -22.41 -2.73
N ARG A 63 -21.96 -23.58 -2.99
CA ARG A 63 -21.17 -24.78 -3.28
C ARG A 63 -20.27 -24.56 -4.48
N THR A 64 -20.76 -23.88 -5.52
CA THR A 64 -19.93 -23.66 -6.69
C THR A 64 -18.66 -22.92 -6.30
N VAL A 65 -18.75 -22.01 -5.34
CA VAL A 65 -17.56 -21.24 -4.94
C VAL A 65 -16.67 -22.04 -3.98
N LEU A 66 -17.25 -22.76 -3.03
CA LEU A 66 -16.46 -23.33 -1.96
C LEU A 66 -15.68 -24.57 -2.39
N GLU A 67 -16.28 -25.42 -3.23
CA GLU A 67 -15.64 -26.68 -3.59
C GLU A 67 -14.27 -26.52 -4.23
N PRO A 68 -14.05 -25.62 -5.20
CA PRO A 68 -12.69 -25.47 -5.75
C PRO A 68 -11.65 -25.06 -4.74
N ILE A 69 -12.00 -24.20 -3.79
CA ILE A 69 -11.04 -23.81 -2.77
C ILE A 69 -10.70 -25.01 -1.88
N ARG A 70 -11.72 -25.71 -1.39
CA ARG A 70 -11.46 -26.91 -0.60
C ARG A 70 -10.54 -27.86 -1.37
N ASP A 71 -10.79 -28.03 -2.67
CA ASP A 71 -9.98 -28.93 -3.48
C ASP A 71 -8.56 -28.41 -3.59
N ALA A 72 -8.38 -27.10 -3.77
CA ALA A 72 -7.03 -26.56 -3.88
C ALA A 72 -6.24 -26.74 -2.58
N LEU A 73 -6.90 -26.56 -1.43
CA LEU A 73 -6.22 -26.75 -0.16
C LEU A 73 -5.83 -28.22 0.06
N ASN A 74 -6.72 -29.16 -0.30
CA ASN A 74 -6.41 -30.59 -0.19
C ASN A 74 -5.28 -31.01 -1.13
N ALA A 75 -5.22 -30.42 -2.31
CA ALA A 75 -4.14 -30.75 -3.24
C ALA A 75 -2.76 -30.42 -2.66
N MET A 76 -2.66 -29.39 -1.81
CA MET A 76 -1.37 -29.08 -1.22
C MET A 76 -1.07 -29.96 -0.01
N THR A 77 -1.98 -30.00 0.98
CA THR A 77 -1.72 -30.71 2.21
C THR A 77 -1.58 -32.22 2.03
N GLN A 78 -2.14 -32.77 0.97
CA GLN A 78 -1.92 -34.19 0.73
C GLN A 78 -0.49 -34.47 0.29
N ASN A 79 0.29 -33.45 -0.06
CA ASN A 79 1.70 -33.65 -0.39
C ASN A 79 2.61 -33.27 0.78
N ILE A 80 2.05 -33.06 1.97
CA ILE A 80 2.84 -32.68 3.12
C ILE A 80 2.71 -33.78 4.17
N ARG A 81 3.76 -34.55 4.35
CA ARG A 81 3.80 -35.73 5.20
C ARG A 81 4.78 -35.45 6.34
N PRO A 82 4.69 -36.18 7.45
CA PRO A 82 5.74 -36.09 8.48
C PRO A 82 7.06 -36.70 8.03
N VAL A 83 8.16 -36.21 8.63
CA VAL A 83 9.51 -36.40 8.05
C VAL A 83 9.84 -37.87 7.81
N GLN A 84 9.38 -38.76 8.69
CA GLN A 84 9.83 -40.15 8.69
C GLN A 84 9.29 -40.97 7.51
N SER A 85 8.41 -40.41 6.66
CA SER A 85 7.90 -41.10 5.47
C SER A 85 8.97 -41.27 4.38
N VAL A 86 10.22 -40.89 4.66
CA VAL A 86 11.31 -41.00 3.69
C VAL A 86 12.37 -42.01 4.13
N GLY B 3 8.26 -32.20 12.53
CA GLY B 3 8.91 -31.98 11.26
C GLY B 3 8.10 -32.59 10.13
N VAL B 4 7.89 -31.83 9.05
CA VAL B 4 7.18 -32.34 7.89
C VAL B 4 8.01 -32.18 6.63
N VAL B 5 7.69 -33.00 5.63
CA VAL B 5 8.39 -32.99 4.35
C VAL B 5 7.35 -32.82 3.24
N LEU B 6 7.70 -32.02 2.23
CA LEU B 6 6.90 -31.82 1.04
C LEU B 6 7.25 -32.83 -0.05
N ALA B 7 6.23 -33.42 -0.68
CA ALA B 7 6.44 -34.40 -1.74
C ALA B 7 6.70 -33.63 -3.05
N GLY B 8 7.96 -33.23 -3.24
CA GLY B 8 8.28 -32.35 -4.34
C GLY B 8 8.20 -33.04 -5.69
N ALA B 9 8.56 -34.32 -5.75
CA ALA B 9 8.39 -35.04 -7.00
C ALA B 9 6.91 -35.18 -7.36
N ALA B 10 6.07 -35.47 -6.36
CA ALA B 10 4.62 -35.55 -6.58
C ALA B 10 4.05 -34.20 -6.98
N LEU B 11 4.37 -33.15 -6.21
CA LEU B 11 3.84 -31.83 -6.52
C LEU B 11 4.42 -31.29 -7.82
N GLY B 12 5.67 -31.62 -8.14
CA GLY B 12 6.24 -31.20 -9.40
C GLY B 12 6.72 -29.78 -9.52
N VAL B 13 5.87 -28.81 -9.20
CA VAL B 13 6.19 -27.42 -9.42
C VAL B 13 5.54 -26.58 -8.32
N ALA B 14 6.28 -25.59 -7.81
CA ALA B 14 5.74 -24.67 -6.81
C ALA B 14 6.72 -23.51 -6.59
N THR B 15 6.16 -22.33 -6.40
CA THR B 15 7.00 -21.19 -6.04
C THR B 15 7.39 -21.28 -4.56
N ALA B 16 8.44 -20.56 -4.19
CA ALA B 16 8.80 -20.51 -2.78
C ALA B 16 7.63 -20.03 -1.94
N ALA B 17 6.91 -19.03 -2.44
CA ALA B 17 5.72 -18.53 -1.76
C ALA B 17 4.67 -19.64 -1.56
N GLN B 18 4.51 -20.52 -2.54
CA GLN B 18 3.50 -21.57 -2.36
C GLN B 18 3.99 -22.65 -1.39
N ILE B 19 5.28 -23.00 -1.47
CA ILE B 19 5.83 -23.97 -0.53
C ILE B 19 5.69 -23.47 0.92
N THR B 20 6.13 -22.24 1.21
CA THR B 20 6.08 -21.80 2.60
C THR B 20 4.64 -21.65 3.07
N ALA B 21 3.75 -21.15 2.22
CA ALA B 21 2.36 -21.08 2.63
C ALA B 21 1.75 -22.46 2.80
N GLY B 22 2.18 -23.44 2.00
CA GLY B 22 1.63 -24.78 2.16
C GLY B 22 2.02 -25.40 3.49
N ILE B 23 3.29 -25.28 3.88
CA ILE B 23 3.71 -25.74 5.19
C ILE B 23 3.01 -24.95 6.29
N ALA B 24 2.98 -23.63 6.16
CA ALA B 24 2.21 -22.82 7.09
C ALA B 24 0.77 -23.32 7.18
N LEU B 25 0.21 -23.76 6.06
CA LEU B 25 -1.16 -24.28 6.09
C LEU B 25 -1.24 -25.50 7.00
N HIS B 26 -0.23 -26.37 6.93
CA HIS B 26 -0.19 -27.54 7.80
C HIS B 26 0.02 -27.16 9.27
N GLN B 27 0.86 -26.17 9.54
CA GLN B 27 1.13 -25.83 10.94
C GLN B 27 -0.05 -25.13 11.59
N SER B 28 -0.85 -24.38 10.82
CA SER B 28 -1.87 -23.52 11.39
C SER B 28 -3.30 -24.04 11.19
N MET B 29 -3.52 -25.04 10.33
CA MET B 29 -4.89 -25.51 10.16
C MET B 29 -5.36 -26.25 11.39
N LEU B 30 -6.66 -26.14 11.70
CA LEU B 30 -7.20 -26.87 12.83
C LEU B 30 -7.19 -28.38 12.55
N ASN B 31 -6.82 -29.15 13.57
CA ASN B 31 -6.88 -30.61 13.63
C ASN B 31 -8.26 -31.11 13.24
N SER B 32 -8.37 -32.36 12.77
CA SER B 32 -9.62 -32.90 12.24
C SER B 32 -10.80 -32.88 13.21
N GLN B 33 -10.57 -33.09 14.51
CA GLN B 33 -11.75 -33.05 15.36
C GLN B 33 -12.04 -31.70 15.98
N ALA B 34 -11.06 -30.79 16.03
CA ALA B 34 -11.41 -29.40 16.33
C ALA B 34 -12.42 -28.86 15.31
N ILE B 35 -12.39 -29.39 14.09
CA ILE B 35 -13.37 -29.03 13.07
C ILE B 35 -14.76 -29.50 13.47
N ASP B 36 -14.86 -30.74 13.95
CA ASP B 36 -16.16 -31.26 14.35
C ASP B 36 -16.70 -30.49 15.54
N ASN B 37 -15.81 -30.11 16.48
CA ASN B 37 -16.20 -29.24 17.58
C ASN B 37 -16.65 -27.88 17.09
N LEU B 38 -15.82 -27.26 16.24
CA LEU B 38 -16.14 -25.95 15.71
C LEU B 38 -17.47 -26.00 14.97
N ARG B 39 -17.65 -27.05 14.16
CA ARG B 39 -18.90 -27.22 13.43
C ARG B 39 -20.08 -27.26 14.37
N ALA B 40 -19.94 -27.90 15.52
CA ALA B 40 -21.06 -27.96 16.43
C ALA B 40 -21.24 -26.63 17.17
N SER B 41 -20.16 -25.94 17.53
CA SER B 41 -20.33 -24.65 18.15
C SER B 41 -21.03 -23.67 17.21
N LEU B 42 -20.68 -23.70 15.93
CA LEU B 42 -21.28 -22.74 14.99
C LEU B 42 -22.78 -22.97 14.86
N GLU B 43 -23.18 -24.24 14.86
CA GLU B 43 -24.60 -24.57 14.68
C GLU B 43 -25.47 -23.97 15.77
N THR B 44 -24.98 -23.92 17.01
CA THR B 44 -25.81 -23.53 18.14
C THR B 44 -25.75 -22.04 18.47
N THR B 45 -25.06 -21.24 17.70
CA THR B 45 -24.96 -19.82 18.01
C THR B 45 -25.92 -19.03 17.12
N ASN B 46 -26.18 -17.79 17.52
CA ASN B 46 -27.09 -16.97 16.71
C ASN B 46 -26.70 -15.48 16.67
N GLN B 47 -25.48 -15.12 17.02
CA GLN B 47 -25.04 -13.74 16.94
C GLN B 47 -24.25 -13.47 15.67
N ALA B 48 -24.15 -12.18 15.36
CA ALA B 48 -23.32 -11.71 14.26
C ALA B 48 -21.84 -11.95 14.51
N ILE B 49 -21.34 -11.73 15.71
CA ILE B 49 -19.93 -12.02 16.00
C ILE B 49 -19.83 -12.70 17.37
N GLU B 50 -18.97 -13.71 17.48
CA GLU B 50 -18.96 -14.45 18.73
C GLU B 50 -17.62 -15.14 18.94
N ALA B 51 -17.00 -14.88 20.10
CA ALA B 51 -15.77 -15.57 20.47
C ALA B 51 -16.14 -16.97 20.96
N ILE B 52 -15.74 -17.99 20.22
CA ILE B 52 -16.05 -19.38 20.57
C ILE B 52 -14.90 -19.91 21.41
N ARG B 53 -15.12 -20.06 22.71
CA ARG B 53 -14.13 -20.51 23.67
C ARG B 53 -14.46 -21.92 24.12
N GLN B 54 -13.59 -22.86 23.79
CA GLN B 54 -13.63 -24.20 24.34
C GLN B 54 -12.34 -24.37 25.13
N ALA B 55 -12.45 -24.49 26.45
CA ALA B 55 -11.29 -24.56 27.34
C ALA B 55 -10.31 -25.61 26.87
N GLY B 56 -9.02 -25.28 26.97
CA GLY B 56 -8.04 -26.13 26.35
C GLY B 56 -7.62 -25.54 25.01
N GLN B 57 -8.55 -25.45 24.07
CA GLN B 57 -8.28 -24.89 22.76
C GLN B 57 -8.33 -23.37 22.73
N GLU B 58 -7.73 -22.81 21.68
CA GLU B 58 -7.66 -21.36 21.58
C GLU B 58 -9.03 -20.83 21.19
N MET B 59 -9.25 -19.55 21.50
CA MET B 59 -10.44 -18.85 21.05
C MET B 59 -10.49 -18.75 19.54
N ILE B 60 -11.68 -18.95 18.98
CA ILE B 60 -11.94 -18.84 17.54
C ILE B 60 -13.03 -17.80 17.38
N LEU B 61 -12.76 -16.78 16.57
CA LEU B 61 -13.70 -15.69 16.36
C LEU B 61 -14.61 -16.05 15.19
N ALA B 62 -15.90 -16.19 15.46
CA ALA B 62 -16.90 -16.57 14.48
C ALA B 62 -17.71 -15.36 14.09
N VAL B 63 -17.88 -15.15 12.79
CA VAL B 63 -18.62 -14.02 12.26
C VAL B 63 -19.65 -14.52 11.26
N GLN B 64 -20.87 -13.99 11.37
CA GLN B 64 -21.99 -14.36 10.52
C GLN B 64 -22.49 -13.11 9.82
N GLY B 65 -22.36 -13.09 8.49
CA GLY B 65 -22.44 -11.87 7.72
C GLY B 65 -23.82 -11.28 7.55
N VAL B 66 -24.90 -12.06 7.79
CA VAL B 66 -26.23 -11.47 7.68
C VAL B 66 -27.03 -11.58 8.97
N GLN B 67 -26.39 -12.00 10.08
CA GLN B 67 -27.16 -12.25 11.29
C GLN B 67 -27.70 -10.98 11.92
N ASP B 68 -26.95 -9.88 11.91
CA ASP B 68 -27.52 -8.64 12.46
C ASP B 68 -28.79 -8.24 11.72
N TYR B 69 -28.85 -8.47 10.40
CA TYR B 69 -30.05 -8.11 9.64
C TYR B 69 -31.22 -9.00 10.05
N ILE B 70 -30.98 -10.32 10.14
CA ILE B 70 -32.01 -11.22 10.60
C ILE B 70 -32.48 -10.83 12.01
N ASN B 71 -31.54 -10.59 12.93
CA ASN B 71 -31.90 -10.34 14.33
C ASN B 71 -32.54 -8.97 14.52
N ASN B 72 -32.04 -7.95 13.85
CA ASN B 72 -32.53 -6.60 14.08
C ASN B 72 -33.73 -6.22 13.21
N GLU B 73 -33.81 -6.73 11.99
CA GLU B 73 -34.83 -6.33 11.05
C GLU B 73 -35.88 -7.39 10.76
N LEU B 74 -35.51 -8.67 10.65
CA LEU B 74 -36.50 -9.65 10.23
C LEU B 74 -37.25 -10.24 11.42
N ILE B 75 -36.53 -10.66 12.47
CA ILE B 75 -37.20 -11.29 13.61
C ILE B 75 -38.20 -10.35 14.27
N PRO B 76 -37.88 -9.09 14.56
CA PRO B 76 -38.92 -8.20 15.13
C PRO B 76 -40.12 -7.97 14.21
N SER B 77 -40.04 -8.29 12.93
CA SER B 77 -41.19 -8.16 12.03
C SER B 77 -41.95 -9.46 11.87
N MET B 78 -41.56 -10.49 12.62
CA MET B 78 -42.00 -11.86 12.36
C MET B 78 -43.51 -12.02 12.42
N ASN B 79 -44.20 -11.23 13.24
CA ASN B 79 -45.64 -11.36 13.34
C ASN B 79 -46.36 -10.12 12.83
N GLN B 80 -45.71 -9.37 11.94
CA GLN B 80 -46.32 -8.24 11.28
C GLN B 80 -46.20 -8.28 9.77
N LEU B 81 -45.30 -9.09 9.20
CA LEU B 81 -45.18 -9.26 7.76
C LEU B 81 -45.44 -10.71 7.41
N SER B 82 -45.88 -10.93 6.17
CA SER B 82 -46.21 -12.27 5.72
C SER B 82 -44.97 -13.15 5.66
N CYS B 83 -45.20 -14.44 5.59
CA CYS B 83 -44.09 -15.38 5.51
C CYS B 83 -43.37 -15.25 4.18
N ASP B 84 -44.11 -15.07 3.08
CA ASP B 84 -43.49 -14.81 1.79
C ASP B 84 -42.60 -13.56 1.85
N LEU B 85 -43.11 -12.48 2.44
CA LEU B 85 -42.34 -11.23 2.44
C LEU B 85 -41.04 -11.38 3.22
N ILE B 86 -41.11 -12.06 4.37
CA ILE B 86 -39.92 -12.30 5.16
C ILE B 86 -38.87 -13.03 4.33
N GLY B 87 -39.29 -14.07 3.61
CA GLY B 87 -38.37 -14.80 2.75
C GLY B 87 -37.81 -13.94 1.63
N GLN B 88 -38.64 -13.06 1.07
CA GLN B 88 -38.14 -12.22 -0.01
C GLN B 88 -37.10 -11.24 0.52
N LYS B 89 -37.35 -10.67 1.70
CA LYS B 89 -36.38 -9.77 2.32
C LYS B 89 -35.03 -10.45 2.55
N LEU B 90 -35.03 -11.64 3.16
CA LEU B 90 -33.75 -12.30 3.41
C LEU B 90 -33.08 -12.71 2.11
N GLY B 91 -33.86 -13.14 1.11
CA GLY B 91 -33.27 -13.56 -0.16
C GLY B 91 -32.45 -12.46 -0.81
N LEU B 92 -32.92 -11.23 -0.74
CA LEU B 92 -32.15 -10.11 -1.29
C LEU B 92 -30.82 -9.96 -0.57
N LYS B 93 -30.82 -10.08 0.76
CA LYS B 93 -29.56 -9.99 1.49
C LYS B 93 -28.62 -11.13 1.12
N LEU B 94 -29.15 -12.35 1.01
CA LEU B 94 -28.31 -13.50 0.69
C LEU B 94 -27.68 -13.38 -0.69
N LEU B 95 -28.44 -12.89 -1.67
CA LEU B 95 -27.85 -12.71 -2.99
C LEU B 95 -26.75 -11.65 -2.96
N ARG B 96 -26.99 -10.53 -2.25
CA ARG B 96 -25.94 -9.54 -2.14
C ARG B 96 -24.73 -10.07 -1.37
N TYR B 97 -24.95 -10.92 -0.37
CA TYR B 97 -23.82 -11.48 0.36
C TYR B 97 -23.07 -12.52 -0.47
N TYR B 98 -23.81 -13.38 -1.17
CA TYR B 98 -23.18 -14.31 -2.10
C TYR B 98 -22.34 -13.60 -3.14
N THR B 99 -22.82 -12.46 -3.64
CA THR B 99 -22.01 -11.72 -4.62
C THR B 99 -20.66 -11.33 -4.06
N GLU B 100 -20.62 -10.95 -2.78
CA GLU B 100 -19.33 -10.61 -2.17
C GLU B 100 -18.48 -11.85 -1.96
N ILE B 101 -19.07 -12.95 -1.48
CA ILE B 101 -18.30 -14.18 -1.32
C ILE B 101 -17.70 -14.61 -2.65
N LEU B 102 -18.49 -14.53 -3.72
CA LEU B 102 -18.04 -14.88 -5.06
C LEU B 102 -16.92 -13.95 -5.50
N SER B 103 -17.05 -12.67 -5.16
CA SER B 103 -16.09 -11.68 -5.64
C SER B 103 -14.72 -11.91 -5.02
N LEU B 104 -14.69 -12.27 -3.75
CA LEU B 104 -13.50 -12.47 -2.95
C LEU B 104 -12.92 -13.88 -3.04
N PHE B 105 -13.76 -14.91 -3.00
CA PHE B 105 -13.29 -16.28 -2.96
C PHE B 105 -13.52 -17.04 -4.26
N GLY B 106 -14.07 -16.40 -5.29
CA GLY B 106 -14.35 -17.04 -6.55
C GLY B 106 -13.12 -17.12 -7.43
N PRO B 107 -13.32 -17.29 -8.74
CA PRO B 107 -12.18 -17.53 -9.63
C PRO B 107 -11.20 -16.37 -9.72
N SER B 108 -11.57 -15.15 -9.35
CA SER B 108 -10.61 -14.06 -9.35
C SER B 108 -9.53 -14.19 -8.29
N LEU B 109 -9.64 -15.16 -7.39
CA LEU B 109 -8.61 -15.46 -6.38
C LEU B 109 -7.66 -16.48 -7.01
N ARG B 110 -6.48 -16.03 -7.43
CA ARG B 110 -5.65 -16.89 -8.26
C ARG B 110 -5.13 -18.10 -7.49
N ASP B 111 -4.48 -17.90 -6.34
CA ASP B 111 -3.86 -19.02 -5.63
C ASP B 111 -4.35 -19.01 -4.20
N PRO B 112 -5.41 -19.77 -3.91
CA PRO B 112 -5.96 -19.72 -2.55
C PRO B 112 -4.98 -20.16 -1.48
N ILE B 113 -3.94 -20.90 -1.82
CA ILE B 113 -3.02 -21.40 -0.80
C ILE B 113 -2.11 -20.30 -0.30
N SER B 114 -1.66 -19.41 -1.18
CA SER B 114 -0.71 -18.40 -0.76
C SER B 114 -1.30 -17.01 -0.74
N ALA B 115 -2.59 -16.87 -1.02
CA ALA B 115 -3.23 -15.57 -0.96
C ALA B 115 -3.24 -15.04 0.48
N GLU B 116 -3.03 -13.74 0.60
CA GLU B 116 -3.13 -13.01 1.87
C GLU B 116 -4.18 -11.94 1.65
N ILE B 117 -5.30 -12.04 2.35
CA ILE B 117 -6.44 -11.16 2.15
C ILE B 117 -6.41 -10.11 3.25
N SER B 118 -6.40 -8.84 2.85
CA SER B 118 -6.42 -7.78 3.84
C SER B 118 -7.73 -7.79 4.60
N ILE B 119 -7.66 -7.37 5.87
CA ILE B 119 -8.86 -7.34 6.70
C ILE B 119 -9.91 -6.42 6.09
N GLN B 120 -9.50 -5.35 5.42
CA GLN B 120 -10.48 -4.45 4.81
C GLN B 120 -11.16 -5.09 3.62
N ALA B 121 -10.44 -5.88 2.83
CA ALA B 121 -11.10 -6.62 1.78
C ALA B 121 -12.11 -7.63 2.32
N LEU B 122 -11.97 -8.07 3.58
CA LEU B 122 -12.93 -9.00 4.17
C LEU B 122 -14.15 -8.29 4.74
N SER B 123 -14.17 -6.95 4.66
CA SER B 123 -15.15 -6.16 5.37
C SER B 123 -16.58 -6.62 5.07
N TYR B 124 -16.90 -6.81 3.79
CA TYR B 124 -18.27 -7.18 3.47
C TYR B 124 -18.56 -8.62 3.89
N ALA B 125 -17.59 -9.52 3.71
CA ALA B 125 -17.78 -10.89 4.17
C ALA B 125 -18.04 -10.95 5.67
N LEU B 126 -17.61 -9.94 6.44
CA LEU B 126 -17.76 -9.93 7.89
C LEU B 126 -18.94 -9.12 8.34
N GLY B 127 -19.82 -8.72 7.43
CA GLY B 127 -21.02 -8.00 7.76
C GLY B 127 -21.02 -6.53 7.41
N GLY B 128 -20.02 -6.05 6.66
CA GLY B 128 -20.01 -4.67 6.20
C GLY B 128 -19.19 -3.70 7.01
N ASP B 129 -18.49 -4.16 8.05
CA ASP B 129 -17.72 -3.32 8.97
C ASP B 129 -16.84 -4.24 9.79
N ILE B 130 -15.65 -3.75 10.15
CA ILE B 130 -14.65 -4.59 10.81
C ILE B 130 -14.31 -4.10 12.21
N ASN B 131 -14.97 -3.04 12.68
CA ASN B 131 -14.56 -2.42 13.94
C ASN B 131 -14.83 -3.36 15.11
N LYS B 132 -15.96 -4.06 15.11
CA LYS B 132 -16.26 -4.96 16.22
C LYS B 132 -15.33 -6.16 16.22
N VAL B 133 -14.95 -6.66 15.05
CA VAL B 133 -13.94 -7.71 15.00
C VAL B 133 -12.66 -7.24 15.66
N LEU B 134 -12.23 -6.02 15.33
CA LEU B 134 -10.96 -5.55 15.85
C LEU B 134 -11.02 -5.34 17.36
N GLU B 135 -12.14 -4.81 17.88
CA GLU B 135 -12.28 -4.71 19.33
C GLU B 135 -12.22 -6.08 20.00
N LYS B 136 -12.91 -7.10 19.47
CA LYS B 136 -12.79 -8.43 20.08
C LYS B 136 -11.38 -8.97 20.03
N LEU B 137 -10.57 -8.55 19.09
CA LEU B 137 -9.20 -9.04 19.09
C LEU B 137 -8.28 -8.22 19.99
N GLY B 138 -8.78 -7.16 20.61
CA GLY B 138 -7.98 -6.32 21.49
C GLY B 138 -7.58 -4.94 20.96
N TYR B 139 -7.95 -4.57 19.74
CA TYR B 139 -7.61 -3.24 19.23
C TYR B 139 -8.65 -2.21 19.69
N SER B 140 -8.20 -1.15 20.37
CA SER B 140 -9.11 -0.18 20.98
C SER B 140 -9.57 0.96 20.06
N GLY B 141 -8.81 1.30 19.03
CA GLY B 141 -9.10 2.48 18.24
C GLY B 141 -8.71 3.78 18.91
N GLY B 142 -7.84 3.72 19.91
CA GLY B 142 -7.46 4.86 20.72
C GLY B 142 -6.27 5.66 20.27
N ASP B 143 -5.42 5.10 19.41
CA ASP B 143 -4.30 5.86 18.88
C ASP B 143 -4.09 5.48 17.42
N LEU B 144 -3.53 6.38 16.64
CA LEU B 144 -3.49 6.13 15.20
C LEU B 144 -2.61 4.92 14.83
N LEU B 145 -1.58 4.63 15.62
CA LEU B 145 -0.68 3.52 15.28
C LEU B 145 -1.42 2.19 15.36
N GLY B 146 -2.14 1.95 16.46
CA GLY B 146 -2.96 0.76 16.56
C GLY B 146 -3.96 0.65 15.42
N ILE B 147 -4.50 1.78 14.98
CA ILE B 147 -5.39 1.76 13.82
C ILE B 147 -4.65 1.26 12.58
N LEU B 148 -3.46 1.82 12.32
CA LEU B 148 -2.69 1.37 11.16
C LEU B 148 -2.33 -0.10 11.24
N GLU B 149 -1.90 -0.56 12.42
CA GLU B 149 -1.57 -1.96 12.59
C GLU B 149 -2.79 -2.85 12.39
N SER B 150 -3.92 -2.46 12.99
CA SER B 150 -5.13 -3.25 12.84
C SER B 150 -5.54 -3.37 11.38
N ARG B 151 -5.37 -2.30 10.61
CA ARG B 151 -5.67 -2.38 9.19
C ARG B 151 -4.60 -3.08 8.38
N GLY B 152 -3.47 -3.42 8.97
CA GLY B 152 -2.50 -4.20 8.26
C GLY B 152 -2.68 -5.68 8.44
N ILE B 153 -3.71 -6.13 9.15
CA ILE B 153 -3.93 -7.56 9.30
C ILE B 153 -4.23 -8.19 7.93
N LYS B 154 -3.58 -9.30 7.65
CA LYS B 154 -3.88 -10.10 6.47
C LYS B 154 -4.29 -11.49 6.93
N ALA B 155 -5.18 -12.11 6.18
CA ALA B 155 -5.69 -13.44 6.48
C ALA B 155 -5.28 -14.44 5.40
N ARG B 156 -5.01 -15.67 5.83
CA ARG B 156 -4.88 -16.84 4.98
C ARG B 156 -6.03 -17.82 5.21
N ILE B 157 -6.46 -18.50 4.14
CA ILE B 157 -7.50 -19.51 4.25
C ILE B 157 -6.85 -20.78 4.75
N THR B 158 -7.38 -21.39 5.82
CA THR B 158 -6.83 -22.64 6.30
C THR B 158 -7.83 -23.78 6.20
N HIS B 159 -9.10 -23.51 5.98
CA HIS B 159 -10.05 -24.60 5.85
C HIS B 159 -11.33 -24.10 5.21
N VAL B 160 -11.87 -24.88 4.29
CA VAL B 160 -13.16 -24.60 3.69
C VAL B 160 -14.06 -25.80 3.93
N ASP B 161 -15.12 -25.60 4.69
CA ASP B 161 -16.05 -26.68 5.03
C ASP B 161 -17.23 -26.68 4.06
N THR B 162 -17.30 -27.69 3.20
CA THR B 162 -18.43 -27.83 2.31
C THR B 162 -19.60 -28.58 2.93
N GLU B 163 -19.41 -29.20 4.10
CA GLU B 163 -20.54 -29.84 4.76
C GLU B 163 -21.40 -28.84 5.49
N SER B 164 -20.79 -27.91 6.19
CA SER B 164 -21.53 -26.94 6.99
C SER B 164 -21.33 -25.51 6.54
N TYR B 165 -20.60 -25.27 5.45
CA TYR B 165 -20.49 -23.95 4.80
C TYR B 165 -19.87 -22.92 5.75
N PHE B 166 -18.56 -23.10 5.98
CA PHE B 166 -17.82 -22.07 6.69
C PHE B 166 -16.38 -22.08 6.20
N ILE B 167 -15.71 -20.97 6.41
CA ILE B 167 -14.34 -20.75 5.96
C ILE B 167 -13.51 -20.37 7.18
N VAL B 168 -12.45 -21.13 7.45
CA VAL B 168 -11.55 -20.81 8.55
C VAL B 168 -10.34 -20.05 7.99
N LEU B 169 -10.06 -18.90 8.58
CA LEU B 169 -8.92 -18.08 8.22
C LEU B 169 -8.00 -17.93 9.42
N SER B 170 -6.70 -17.81 9.16
CA SER B 170 -5.71 -17.50 10.17
C SER B 170 -5.13 -16.12 9.89
N ILE B 171 -5.12 -15.25 10.89
CA ILE B 171 -4.52 -13.92 10.80
C ILE B 171 -3.31 -13.89 11.73
N ALA B 172 -2.45 -12.90 11.50
CA ALA B 172 -1.31 -12.60 12.34
C ALA B 172 -1.35 -11.11 12.68
N TYR B 173 -0.73 -10.76 13.79
CA TYR B 173 -0.83 -9.37 14.25
C TYR B 173 0.36 -8.56 13.74
N PRO B 174 0.15 -7.43 13.09
CA PRO B 174 1.29 -6.60 12.68
C PRO B 174 1.84 -5.83 13.86
N THR B 175 3.17 -5.82 13.95
CA THR B 175 3.87 -4.88 14.82
C THR B 175 5.02 -4.21 14.09
N LEU B 176 5.48 -3.10 14.64
CA LEU B 176 6.41 -2.23 13.92
C LEU B 176 7.85 -2.72 14.12
N SER B 177 8.56 -2.84 13.00
CA SER B 177 9.95 -3.25 12.95
C SER B 177 10.78 -2.08 12.44
N GLU B 178 11.43 -1.36 13.35
CA GLU B 178 12.26 -0.21 12.95
C GLU B 178 13.60 -0.65 12.39
N ILE B 179 13.92 -0.20 11.18
CA ILE B 179 15.21 -0.45 10.54
C ILE B 179 16.03 0.84 10.66
N LYS B 180 16.82 0.92 11.75
CA LYS B 180 17.42 2.17 12.20
C LYS B 180 18.39 2.72 11.16
N GLY B 181 18.93 1.87 10.25
CA GLY B 181 19.86 2.40 9.27
C GLY B 181 19.26 3.06 8.04
N VAL B 182 17.95 3.00 7.88
CA VAL B 182 17.26 3.55 6.73
C VAL B 182 16.63 4.91 7.11
N ILE B 183 16.96 5.97 6.37
CA ILE B 183 16.32 7.27 6.52
C ILE B 183 15.52 7.53 5.26
N VAL B 184 14.23 7.86 5.43
CA VAL B 184 13.36 8.28 4.32
C VAL B 184 13.43 9.78 4.16
N HIS B 185 13.58 10.25 2.92
CA HIS B 185 13.71 11.68 2.63
C HIS B 185 12.64 12.09 1.64
N ARG B 186 11.94 13.17 1.93
CA ARG B 186 10.99 13.77 1.02
C ARG B 186 11.71 14.88 0.25
N LEU B 187 11.70 14.78 -1.08
CA LEU B 187 12.34 15.75 -1.96
C LEU B 187 11.25 16.62 -2.59
N GLU B 188 11.59 17.88 -2.84
CA GLU B 188 10.61 18.83 -3.35
C GLU B 188 11.40 19.85 -4.17
N GLY B 189 10.93 20.16 -5.38
CA GLY B 189 11.67 21.02 -6.31
C GLY B 189 11.08 22.39 -6.62
N VAL B 190 11.89 23.39 -7.05
CA VAL B 190 11.26 24.60 -7.57
C VAL B 190 11.72 24.77 -9.01
N SER B 191 10.86 25.39 -9.83
CA SER B 191 11.19 25.63 -11.22
C SER B 191 12.23 26.74 -11.33
N TYR B 192 12.95 26.71 -12.45
CA TYR B 192 13.94 27.72 -12.83
C TYR B 192 13.86 27.99 -14.32
N ASN B 193 14.38 29.13 -14.75
CA ASN B 193 14.14 29.55 -16.13
C ASN B 193 15.46 29.49 -16.88
N ILE B 194 15.42 28.86 -18.04
CA ILE B 194 16.46 28.96 -19.04
C ILE B 194 15.85 29.57 -20.28
N GLY B 195 16.13 30.84 -20.51
CA GLY B 195 15.47 31.51 -21.62
C GLY B 195 13.99 31.74 -21.36
N SER B 196 13.20 31.32 -22.32
CA SER B 196 11.75 31.37 -22.12
C SER B 196 11.14 30.06 -21.70
N GLN B 197 11.95 29.06 -21.55
CA GLN B 197 11.61 27.75 -21.05
C GLN B 197 11.65 27.66 -19.51
N GLU B 198 10.60 27.12 -18.90
CA GLU B 198 10.56 26.97 -17.44
C GLU B 198 10.80 25.48 -17.13
N TRP B 199 11.92 25.16 -16.46
CA TRP B 199 12.31 23.79 -16.15
C TRP B 199 12.17 23.45 -14.65
N TYR B 200 12.20 22.15 -14.33
CA TYR B 200 12.46 21.70 -12.96
C TYR B 200 13.21 20.37 -13.04
N THR B 201 13.97 20.07 -11.98
CA THR B 201 14.76 18.83 -11.94
C THR B 201 13.88 17.64 -11.59
N THR B 202 14.04 16.54 -12.34
CA THR B 202 13.21 15.38 -12.11
C THR B 202 13.89 14.44 -11.14
N VAL B 203 13.38 14.40 -9.91
CA VAL B 203 13.83 13.47 -8.87
C VAL B 203 12.58 12.87 -8.27
N PRO B 204 12.70 11.74 -7.58
CA PRO B 204 11.52 11.14 -6.95
C PRO B 204 11.03 11.98 -5.76
N LYS B 205 9.74 11.82 -5.47
CA LYS B 205 9.18 12.50 -4.31
C LYS B 205 9.78 11.97 -3.00
N TYR B 206 9.99 10.67 -2.89
CA TYR B 206 10.62 10.09 -1.71
C TYR B 206 11.80 9.23 -2.11
N VAL B 207 12.92 9.38 -1.40
CA VAL B 207 14.09 8.50 -1.52
C VAL B 207 14.49 8.01 -0.14
N ALA B 208 15.29 6.95 -0.11
CA ALA B 208 15.81 6.40 1.15
C ALA B 208 17.32 6.32 1.08
N THR B 209 17.98 6.69 2.17
CA THR B 209 19.40 6.44 2.30
C THR B 209 19.59 5.26 3.22
N GLN B 210 20.56 4.45 2.90
CA GLN B 210 20.80 3.21 3.60
C GLN B 210 22.30 2.93 3.47
N GLY B 211 23.05 3.37 4.46
CA GLY B 211 24.49 3.27 4.42
C GLY B 211 25.12 3.91 3.21
N TYR B 212 25.71 3.09 2.34
CA TYR B 212 26.26 3.55 1.06
C TYR B 212 25.19 3.86 0.02
N LEU B 213 24.01 3.28 0.17
CA LEU B 213 22.99 3.23 -0.89
C LEU B 213 22.03 4.40 -0.78
N ILE B 214 21.61 4.89 -1.94
CA ILE B 214 20.39 5.65 -2.11
C ILE B 214 19.40 4.75 -2.84
N SER B 215 18.17 4.66 -2.32
CA SER B 215 17.17 3.77 -2.88
C SER B 215 15.89 4.51 -3.25
N ASN B 216 15.14 3.89 -4.16
CA ASN B 216 13.79 4.35 -4.39
C ASN B 216 12.94 3.99 -3.19
N PHE B 217 11.82 4.69 -3.06
CA PHE B 217 10.93 4.50 -1.92
C PHE B 217 9.50 4.56 -2.44
N ASP B 218 8.75 3.49 -2.23
CA ASP B 218 7.35 3.44 -2.62
C ASP B 218 6.46 3.88 -1.46
N GLU B 219 5.93 5.11 -1.54
CA GLU B 219 5.16 5.60 -0.41
C GLU B 219 3.73 5.06 -0.39
N SER B 220 3.36 4.18 -1.33
CA SER B 220 1.99 3.67 -1.43
C SER B 220 1.51 3.11 -0.11
N SER B 221 2.33 2.27 0.52
CA SER B 221 1.92 1.54 1.71
C SER B 221 2.35 2.20 2.99
N CYS B 222 2.68 3.47 2.95
CA CYS B 222 3.26 4.13 4.09
C CYS B 222 2.35 5.23 4.60
N THR B 223 2.50 5.53 5.90
CA THR B 223 1.83 6.61 6.56
C THR B 223 2.94 7.41 7.22
N PHE B 224 2.96 8.72 7.01
CA PHE B 224 4.05 9.54 7.54
C PHE B 224 3.67 10.09 8.91
N MET B 225 3.80 9.24 9.91
CA MET B 225 3.52 9.61 11.28
C MET B 225 4.57 10.62 11.77
N PRO B 226 4.24 11.39 12.81
CA PRO B 226 5.19 12.42 13.28
C PRO B 226 6.52 11.88 13.81
N GLU B 227 6.59 10.61 14.17
CA GLU B 227 7.79 10.03 14.76
C GLU B 227 8.38 8.91 13.90
N GLY B 228 7.93 8.78 12.68
CA GLY B 228 8.48 7.75 11.82
C GLY B 228 7.53 7.44 10.70
N THR B 229 8.08 6.87 9.65
CA THR B 229 7.31 6.38 8.53
C THR B 229 6.90 4.95 8.82
N VAL B 230 5.59 4.69 8.80
CA VAL B 230 5.05 3.39 9.09
C VAL B 230 4.56 2.78 7.79
N CYS B 231 5.15 1.67 7.38
CA CYS B 231 4.78 1.00 6.14
C CYS B 231 4.28 -0.39 6.47
N SER B 232 3.20 -0.78 5.81
CA SER B 232 2.64 -2.10 6.02
C SER B 232 3.30 -3.16 5.15
N GLN B 233 4.18 -2.75 4.26
CA GLN B 233 4.88 -3.61 3.31
C GLN B 233 6.28 -3.07 3.11
N ASN B 234 7.16 -3.90 2.55
CA ASN B 234 8.45 -3.34 2.14
C ASN B 234 8.22 -2.23 1.15
N ALA B 235 8.88 -1.09 1.40
CA ALA B 235 8.84 0.10 0.57
C ALA B 235 10.14 0.37 -0.21
N LEU B 236 11.25 -0.32 0.07
CA LEU B 236 12.53 0.03 -0.53
C LEU B 236 12.67 -0.68 -1.86
N TYR B 237 13.20 0.04 -2.85
CA TYR B 237 13.44 -0.58 -4.14
C TYR B 237 14.67 0.07 -4.77
N PRO B 238 15.33 -0.65 -5.69
CA PRO B 238 16.63 -0.21 -6.20
C PRO B 238 16.52 1.11 -6.92
N MET B 239 17.62 1.87 -6.95
CA MET B 239 17.70 3.07 -7.75
C MET B 239 18.88 2.91 -8.69
N SER B 240 18.72 3.34 -9.93
CA SER B 240 19.80 3.19 -10.87
C SER B 240 21.01 3.99 -10.40
N PRO B 241 22.22 3.50 -10.68
CA PRO B 241 23.43 4.26 -10.27
C PRO B 241 23.42 5.71 -10.76
N LEU B 242 22.91 5.96 -11.97
CA LEU B 242 22.94 7.33 -12.49
C LEU B 242 22.08 8.28 -11.66
N LEU B 243 20.84 7.87 -11.32
CA LEU B 243 20.02 8.72 -10.46
C LEU B 243 20.58 8.83 -9.04
N GLN B 244 21.22 7.76 -8.54
CA GLN B 244 21.96 7.90 -7.29
C GLN B 244 23.07 8.94 -7.40
N GLU B 245 23.81 8.94 -8.53
CA GLU B 245 24.86 9.94 -8.71
C GLU B 245 24.30 11.35 -8.73
N CYS B 246 23.13 11.51 -9.36
CA CYS B 246 22.42 12.77 -9.33
C CYS B 246 22.20 13.23 -7.89
N LEU B 247 21.64 12.35 -7.05
CA LEU B 247 21.38 12.77 -5.68
C LEU B 247 22.66 12.97 -4.87
N ARG B 248 23.78 12.43 -5.35
CA ARG B 248 25.06 12.62 -4.69
C ARG B 248 25.79 13.87 -5.15
N GLY B 249 25.16 14.72 -5.96
CA GLY B 249 25.78 15.99 -6.29
C GLY B 249 26.18 16.16 -7.74
N SER B 250 26.07 15.13 -8.56
CA SER B 250 26.38 15.27 -9.98
C SER B 250 25.20 15.91 -10.70
N THR B 251 25.21 17.25 -10.80
CA THR B 251 24.06 17.91 -11.39
C THR B 251 23.86 17.48 -12.83
N LYS B 252 24.94 17.11 -13.53
CA LYS B 252 24.81 16.66 -14.92
C LYS B 252 24.08 15.32 -15.04
N SER B 253 24.01 14.56 -13.97
CA SER B 253 23.28 13.29 -13.98
C SER B 253 21.79 13.48 -13.78
N CYS B 254 21.37 14.60 -13.19
CA CYS B 254 19.96 14.84 -12.97
C CYS B 254 19.31 15.30 -14.26
N ALA B 255 18.20 14.67 -14.61
CA ALA B 255 17.40 15.11 -15.73
C ALA B 255 16.45 16.23 -15.29
N ARG B 256 15.80 16.82 -16.28
CA ARG B 256 14.94 17.98 -16.10
C ARG B 256 13.86 17.93 -17.17
N THR B 257 12.74 18.57 -16.88
CA THR B 257 11.65 18.62 -17.84
C THR B 257 10.95 19.97 -17.72
N LEU B 258 10.11 20.28 -18.71
CA LEU B 258 9.39 21.54 -18.69
C LEU B 258 8.14 21.44 -17.82
N VAL B 259 7.80 22.56 -17.18
CA VAL B 259 6.68 22.57 -16.24
C VAL B 259 5.38 22.32 -16.97
N SER B 260 4.44 21.67 -16.32
CA SER B 260 3.18 21.39 -16.90
C SER B 260 2.31 22.54 -16.71
N GLY B 261 1.39 22.73 -17.60
CA GLY B 261 0.52 23.83 -17.46
C GLY B 261 1.40 25.02 -17.56
N SER B 262 1.06 26.05 -16.83
CA SER B 262 1.85 27.21 -16.91
C SER B 262 2.58 27.57 -15.67
N PHE B 263 2.82 26.69 -14.69
CA PHE B 263 3.62 27.05 -13.47
C PHE B 263 4.51 26.00 -12.72
N GLY B 264 5.43 26.32 -11.89
CA GLY B 264 5.91 25.20 -11.17
C GLY B 264 5.44 25.56 -9.79
N ASN B 265 6.40 25.36 -8.97
CA ASN B 265 6.43 25.71 -7.66
C ASN B 265 7.54 26.58 -7.82
N ARG B 266 7.23 27.83 -7.72
CA ARG B 266 8.19 28.81 -7.93
C ARG B 266 8.88 29.24 -6.74
N PHE B 267 8.47 28.79 -5.62
CA PHE B 267 9.25 29.10 -4.43
C PHE B 267 9.00 28.01 -3.39
N ILE B 268 9.84 28.01 -2.37
CA ILE B 268 9.68 27.03 -1.30
C ILE B 268 10.40 27.59 -0.08
N LEU B 269 9.85 27.32 1.09
CA LEU B 269 10.50 27.64 2.36
C LEU B 269 11.28 26.42 2.82
N SER B 270 12.57 26.60 3.07
CA SER B 270 13.41 25.49 3.47
C SER B 270 14.50 26.02 4.37
N GLN B 271 14.65 25.42 5.56
CA GLN B 271 15.63 25.85 6.54
C GLN B 271 15.50 27.31 6.89
N GLY B 272 14.26 27.80 6.93
CA GLY B 272 13.99 29.20 7.22
C GLY B 272 14.35 30.18 6.12
N ASN B 273 14.77 29.70 4.97
CA ASN B 273 15.03 30.54 3.81
C ASN B 273 14.00 30.31 2.71
N LEU B 274 13.93 31.28 1.81
CA LEU B 274 13.06 31.18 0.65
C LEU B 274 13.93 30.96 -0.59
N ILE B 275 13.72 29.84 -1.26
CA ILE B 275 14.31 29.58 -2.55
C ILE B 275 13.24 29.89 -3.59
N ALA B 276 13.55 30.79 -4.50
CA ALA B 276 12.51 31.34 -5.36
C ALA B 276 13.03 31.57 -6.76
N ASN B 277 12.19 31.26 -7.74
CA ASN B 277 12.42 31.65 -9.13
C ASN B 277 11.85 33.06 -9.31
N CYS B 278 12.68 34.07 -9.01
CA CYS B 278 12.21 35.46 -9.04
C CYS B 278 12.22 36.06 -10.42
N ALA B 279 12.58 35.29 -11.45
CA ALA B 279 12.33 35.69 -12.82
C ALA B 279 10.87 35.43 -13.21
N SER B 280 10.23 34.48 -12.56
CA SER B 280 8.89 33.99 -12.89
C SER B 280 7.81 34.52 -11.97
N ILE B 281 8.17 35.11 -10.83
CA ILE B 281 7.18 35.69 -9.92
C ILE B 281 7.79 36.95 -9.35
N LEU B 282 6.94 37.84 -8.89
CA LEU B 282 7.41 39.05 -8.22
C LEU B 282 7.92 38.73 -6.82
N CYS B 283 9.21 39.02 -6.58
CA CYS B 283 9.82 38.97 -5.27
C CYS B 283 10.11 40.39 -4.79
N LYS B 284 9.89 40.64 -3.50
CA LYS B 284 10.02 41.99 -3.00
C LYS B 284 10.43 41.92 -1.54
N CYS B 285 11.38 42.76 -1.16
CA CYS B 285 11.73 42.92 0.24
C CYS B 285 10.66 43.76 0.91
N TYR B 286 9.96 43.16 1.88
CA TYR B 286 8.98 43.92 2.66
C TYR B 286 9.68 44.93 3.57
N THR B 287 10.81 44.56 4.17
CA THR B 287 11.50 45.45 5.10
C THR B 287 11.82 46.79 4.48
N THR B 288 12.37 46.79 3.26
CA THR B 288 12.80 48.03 2.59
C THR B 288 11.82 48.52 1.52
N GLY B 289 10.85 47.71 1.11
CA GLY B 289 9.96 48.10 0.02
C GLY B 289 10.49 48.00 -1.39
N THR B 290 11.60 47.33 -1.61
CA THR B 290 12.30 47.31 -2.89
C THR B 290 12.17 45.95 -3.56
N ILE B 291 11.90 45.95 -4.87
CA ILE B 291 11.77 44.70 -5.59
C ILE B 291 13.09 43.93 -5.50
N ILE B 292 13.01 42.61 -5.60
CA ILE B 292 14.21 41.77 -5.58
C ILE B 292 14.36 41.18 -6.98
N ASN B 293 15.34 41.68 -7.72
CA ASN B 293 15.60 41.21 -9.08
C ASN B 293 16.55 40.03 -9.04
N GLN B 294 16.31 39.11 -9.96
CA GLN B 294 17.19 37.96 -10.18
C GLN B 294 18.22 38.32 -11.24
N ASP B 295 19.48 38.25 -10.84
CA ASP B 295 20.57 38.36 -11.80
C ASP B 295 20.26 37.47 -13.00
N PRO B 296 20.36 38.01 -14.23
CA PRO B 296 19.93 37.23 -15.42
C PRO B 296 20.80 36.06 -15.80
N ASP B 297 22.04 35.96 -15.34
CA ASP B 297 22.84 34.74 -15.50
C ASP B 297 22.80 33.84 -14.28
N LYS B 298 21.83 34.06 -13.41
CA LYS B 298 21.49 33.17 -12.34
C LYS B 298 20.09 32.62 -12.61
N ILE B 299 19.80 31.45 -12.06
CA ILE B 299 18.52 30.80 -12.32
C ILE B 299 17.60 30.82 -11.11
N LEU B 300 18.11 31.05 -9.89
CA LEU B 300 17.29 31.07 -8.69
C LEU B 300 17.82 32.12 -7.71
N THR B 301 16.97 32.49 -6.74
CA THR B 301 17.33 33.45 -5.70
C THR B 301 17.16 32.78 -4.35
N TYR B 302 18.16 32.91 -3.48
CA TYR B 302 18.13 32.28 -2.16
C TYR B 302 18.04 33.38 -1.11
N ILE B 303 16.84 33.55 -0.55
CA ILE B 303 16.50 34.73 0.22
C ILE B 303 16.60 34.41 1.70
N ALA B 304 17.46 35.14 2.41
CA ALA B 304 17.66 34.96 3.84
C ALA B 304 17.72 36.34 4.51
N ALA B 305 17.69 36.34 5.85
CA ALA B 305 17.52 37.58 6.61
C ALA B 305 18.76 38.49 6.57
N ASP B 306 19.92 37.98 6.17
CA ASP B 306 21.08 38.85 6.05
C ASP B 306 20.82 39.98 5.04
N HIS B 307 20.03 39.73 4.00
CA HIS B 307 19.69 40.75 3.01
C HIS B 307 18.23 41.20 3.07
N CYS B 308 17.32 40.39 3.53
CA CYS B 308 15.90 40.78 3.57
C CYS B 308 15.18 40.01 4.68
N PRO B 309 14.96 40.63 5.84
CA PRO B 309 14.31 39.89 6.94
C PRO B 309 12.87 39.47 6.64
N VAL B 310 12.13 40.22 5.86
CA VAL B 310 10.73 39.90 5.59
C VAL B 310 10.54 40.09 4.10
N VAL B 311 10.25 39.01 3.41
CA VAL B 311 10.18 39.03 1.96
C VAL B 311 8.74 38.79 1.54
N GLU B 312 8.37 39.41 0.43
CA GLU B 312 7.09 39.14 -0.21
C GLU B 312 7.38 38.39 -1.48
N VAL B 313 6.60 37.33 -1.70
CA VAL B 313 6.87 36.38 -2.76
C VAL B 313 5.51 35.98 -3.31
N ASN B 314 5.26 36.37 -4.56
CA ASN B 314 3.98 36.10 -5.19
C ASN B 314 2.82 36.56 -4.32
N GLY B 315 2.98 37.68 -3.63
CA GLY B 315 1.87 38.20 -2.86
C GLY B 315 1.75 37.66 -1.45
N VAL B 316 2.65 36.77 -1.05
CA VAL B 316 2.64 36.22 0.30
C VAL B 316 3.85 36.76 1.06
N THR B 317 3.61 37.17 2.29
CA THR B 317 4.62 37.82 3.10
C THR B 317 5.19 36.85 4.10
N ILE B 318 6.50 36.64 4.05
CA ILE B 318 7.18 35.63 4.82
C ILE B 318 8.41 36.24 5.49
N GLN B 319 8.49 36.10 6.81
CA GLN B 319 9.70 36.42 7.55
C GLN B 319 10.66 35.25 7.50
N VAL B 320 11.94 35.54 7.24
CA VAL B 320 12.92 34.47 7.02
C VAL B 320 14.01 34.60 8.07
N GLY B 321 14.80 33.54 8.22
CA GLY B 321 15.84 33.49 9.21
C GLY B 321 17.19 33.75 8.57
N SER B 322 18.24 33.44 9.32
CA SER B 322 19.58 33.70 8.81
C SER B 322 19.95 32.71 7.71
N ARG B 323 20.98 33.07 6.95
CA ARG B 323 21.26 32.36 5.70
C ARG B 323 21.68 30.92 5.97
N ARG B 324 21.05 30.00 5.26
CA ARG B 324 21.39 28.59 5.32
C ARG B 324 21.73 28.07 3.93
N TYR B 325 21.63 28.91 2.89
CA TYR B 325 21.91 28.56 1.51
C TYR B 325 22.76 29.67 0.92
N PRO B 326 23.87 29.35 0.26
CA PRO B 326 24.72 30.37 -0.34
C PRO B 326 24.02 31.22 -1.36
N ASP B 327 24.58 32.41 -1.60
CA ASP B 327 24.14 33.26 -2.69
C ASP B 327 24.24 32.52 -4.01
N ALA B 328 23.25 32.70 -4.87
CA ALA B 328 23.19 31.99 -6.15
C ALA B 328 24.48 32.16 -6.93
N VAL B 329 24.90 31.11 -7.63
CA VAL B 329 26.04 31.17 -8.51
C VAL B 329 25.55 31.35 -9.93
N TYR B 330 26.46 31.71 -10.84
CA TYR B 330 26.10 31.88 -12.24
C TYR B 330 25.72 30.55 -12.86
N LEU B 331 24.70 30.57 -13.72
CA LEU B 331 24.31 29.38 -14.47
C LEU B 331 25.49 28.72 -15.17
N HIS B 332 26.46 29.50 -15.63
CA HIS B 332 27.59 28.91 -16.34
C HIS B 332 28.48 28.07 -15.44
N ARG B 333 28.31 28.17 -14.12
CA ARG B 333 29.02 27.37 -13.13
C ARG B 333 28.23 26.16 -12.68
N ILE B 334 27.16 25.82 -13.39
CA ILE B 334 26.30 24.68 -13.08
C ILE B 334 26.19 23.84 -14.35
N ASP B 335 26.57 22.57 -14.28
CA ASP B 335 26.38 21.68 -15.42
C ASP B 335 24.97 21.14 -15.35
N LEU B 336 24.13 21.56 -16.28
CA LEU B 336 22.76 21.04 -16.26
C LEU B 336 22.69 19.71 -16.98
N GLY B 337 21.77 18.86 -16.53
CA GLY B 337 21.64 17.56 -17.12
C GLY B 337 20.68 17.59 -18.31
N PRO B 338 20.39 16.40 -18.80
CA PRO B 338 19.63 16.25 -20.05
C PRO B 338 18.15 16.57 -19.88
N PRO B 339 17.55 17.23 -20.86
CA PRO B 339 16.09 17.35 -20.90
C PRO B 339 15.40 16.06 -21.31
N ILE B 340 14.29 15.73 -20.64
CA ILE B 340 13.60 14.47 -20.82
C ILE B 340 12.09 14.73 -20.80
N SER B 341 11.33 13.76 -21.26
CA SER B 341 9.90 13.73 -21.04
C SER B 341 9.53 12.43 -20.34
N LEU B 342 8.54 12.49 -19.47
CA LEU B 342 8.12 11.28 -18.79
C LEU B 342 6.89 10.61 -19.34
N GLU B 343 6.21 11.18 -20.32
CA GLU B 343 5.08 10.49 -20.92
C GLU B 343 5.57 9.25 -21.68
N ARG B 344 4.83 8.15 -21.59
CA ARG B 344 5.43 6.89 -22.03
C ARG B 344 5.62 6.87 -23.54
N LEU B 345 4.66 7.43 -24.29
CA LEU B 345 4.78 7.50 -25.74
C LEU B 345 5.95 8.39 -26.17
N ASP B 346 6.19 9.49 -25.46
CA ASP B 346 7.37 10.30 -25.76
C ASP B 346 8.65 9.51 -25.51
N VAL B 347 8.67 8.72 -24.42
CA VAL B 347 9.83 7.89 -24.13
C VAL B 347 10.04 6.88 -25.28
N GLY B 348 8.96 6.20 -25.69
CA GLY B 348 9.08 5.20 -26.73
C GLY B 348 9.52 5.79 -28.06
N THR B 349 8.94 6.92 -28.44
CA THR B 349 9.32 7.57 -29.69
C THR B 349 10.78 8.01 -29.66
N ASN B 350 11.24 8.57 -28.55
CA ASN B 350 12.63 8.99 -28.53
C ASN B 350 13.58 7.81 -28.46
N LEU B 351 13.22 6.73 -27.76
CA LEU B 351 14.07 5.53 -27.75
C LEU B 351 14.16 4.89 -29.13
N GLY B 352 13.02 4.75 -29.82
CA GLY B 352 13.08 4.23 -31.18
C GLY B 352 14.00 5.03 -32.10
N ASN B 353 13.94 6.35 -31.99
CA ASN B 353 14.83 7.20 -32.76
C ASN B 353 16.29 6.94 -32.37
N ALA B 354 16.55 6.83 -31.06
CA ALA B 354 17.92 6.65 -30.61
C ALA B 354 18.46 5.32 -31.09
N ILE B 355 17.64 4.26 -31.04
CA ILE B 355 18.10 2.97 -31.54
C ILE B 355 18.36 3.03 -33.03
N ALA B 356 17.49 3.71 -33.78
CA ALA B 356 17.72 3.84 -35.21
C ALA B 356 19.02 4.60 -35.48
N LYS B 357 19.27 5.71 -34.77
CA LYS B 357 20.53 6.45 -34.93
C LYS B 357 21.71 5.60 -34.56
N LEU B 358 21.54 4.69 -33.62
CA LEU B 358 22.62 3.84 -33.18
C LEU B 358 22.93 2.75 -34.21
N GLU B 359 21.91 2.22 -34.91
CA GLU B 359 22.15 1.24 -35.96
C GLU B 359 22.84 1.84 -37.19
N ASP B 360 22.56 3.11 -37.50
CA ASP B 360 23.35 3.81 -38.51
C ASP B 360 24.83 3.85 -38.09
N ALA B 361 25.07 4.38 -36.89
CA ALA B 361 26.41 4.50 -36.31
C ALA B 361 27.12 3.14 -36.28
N LYS B 362 26.37 2.02 -36.34
CA LYS B 362 26.97 0.70 -36.23
C LYS B 362 27.67 0.27 -37.49
N GLU B 363 27.34 0.87 -38.63
CA GLU B 363 27.99 0.60 -39.91
C GLU B 363 29.20 1.51 -40.23
N LEU B 364 29.19 2.77 -39.74
CA LEU B 364 30.22 3.76 -40.06
C LEU B 364 31.56 3.60 -39.33
N LEU B 365 31.56 3.23 -38.05
CA LEU B 365 32.84 3.17 -37.33
C LEU B 365 33.74 1.94 -37.59
N GLU B 366 33.30 0.90 -38.30
CA GLU B 366 34.25 -0.11 -38.83
C GLU B 366 34.88 0.28 -40.17
N SER B 367 34.14 0.92 -41.07
CA SER B 367 34.70 1.33 -42.36
C SER B 367 35.88 2.29 -42.20
N SER B 368 35.79 3.27 -41.29
CA SER B 368 36.89 4.22 -41.20
C SER B 368 38.06 3.63 -40.40
N ASP B 369 37.74 2.89 -39.33
CA ASP B 369 38.73 2.23 -38.48
C ASP B 369 39.28 0.97 -39.15
N PHE C 3 15.50 14.21 -27.74
CA PHE C 3 16.14 14.92 -28.84
C PHE C 3 15.58 16.31 -29.12
N GLY C 4 16.45 17.23 -29.53
CA GLY C 4 16.03 18.45 -30.19
C GLY C 4 16.24 19.71 -29.39
#